data_8TG4
#
_entry.id   8TG4
#
_cell.length_a   39.844
_cell.length_b   55.701
_cell.length_c   42.249
_cell.angle_alpha   90.000
_cell.angle_beta   97.790
_cell.angle_gamma   90.000
#
_symmetry.space_group_name_H-M   'P 1 21 1'
#
loop_
_entity.id
_entity.type
_entity.pdbx_description
1 polymer "Probable RNA 2'-phosphotransferase"
2 polymer "RNA (5'-R(*UP*GP*UP*A)-3')"
3 non-polymer 'NITRATE ION'
4 non-polymer 1,2-ETHANEDIOL
5 non-polymer '[(2R,3S,4R,5R)-5-(6-amino-9H-purin-9-yl)-3,4-dihydroxyoxolan-2-yl]methyl [(2R,3R,4R,5R)-3,5-dihydroxy-4-(phosphonooxy)oxolan-2-yl]methyl dihydrogen diphosphate (non-preferred name)'
6 non-polymer 'POTASSIUM ION'
7 non-polymer 'CHLORIDE ION'
8 water water
#
loop_
_entity_poly.entity_id
_entity_poly.type
_entity_poly.pdbx_seq_one_letter_code
_entity_poly.pdbx_strand_id
1 'polypeptide(L)'
;MGSSHHHHHHSSGLVPRGSHMRVRLSKTLAGILRHHPGRYGVRLTREGWARVSEVVEGLRKAGWSWVEEWHIVGVALHDP
KGRYELRNGEIRARYGHSIPVNVEPLPGEPPPILYHGTTEEALPLIMERGIMRGRRLKVHLTSSLEDAVSTGRRHGNLVA
VLLVDVECLRRRGLKVERMSKTVYTVDWVPPECIAEVRRESLGRSL
;
A
2 'polyribonucleotide' UGUAU C
#
# COMPACT_ATOMS: atom_id res chain seq x y z
N HIS A 20 -15.31 5.22 18.68
CA HIS A 20 -14.63 6.17 17.81
C HIS A 20 -14.53 5.60 16.41
N MET A 21 -14.06 6.40 15.46
CA MET A 21 -14.00 5.97 14.07
C MET A 21 -12.62 5.39 13.77
N ARG A 22 -12.56 4.05 13.72
CA ARG A 22 -11.29 3.37 13.47
C ARG A 22 -10.74 3.74 12.10
N VAL A 23 -11.61 3.86 11.10
CA VAL A 23 -11.18 4.14 9.73
C VAL A 23 -10.48 5.50 9.64
N ARG A 24 -11.02 6.51 10.32
CA ARG A 24 -10.38 7.84 10.32
C ARG A 24 -9.00 7.78 10.96
N LEU A 25 -8.89 7.13 12.12
CA LEU A 25 -7.58 7.00 12.77
C LEU A 25 -6.62 6.19 11.91
N SER A 26 -7.10 5.13 11.26
CA SER A 26 -6.24 4.34 10.39
C SER A 26 -5.72 5.14 9.20
N LYS A 27 -6.57 5.98 8.60
CA LYS A 27 -6.12 6.80 7.48
C LYS A 27 -5.00 7.75 7.92
N THR A 28 -5.17 8.38 9.07
CA THR A 28 -4.12 9.24 9.60
C THR A 28 -2.85 8.45 9.90
N LEU A 29 -3.01 7.27 10.51
CA LEU A 29 -1.84 6.42 10.82
C LEU A 29 -1.10 6.00 9.55
N ALA A 30 -1.83 5.62 8.49
CA ALA A 30 -1.19 5.28 7.24
C ALA A 30 -0.37 6.46 6.72
N GLY A 31 -0.91 7.68 6.85
CA GLY A 31 -0.15 8.86 6.43
C GLY A 31 1.14 9.03 7.21
N ILE A 32 1.09 8.81 8.53
CA ILE A 32 2.28 8.88 9.37
C ILE A 32 3.32 7.86 8.92
N LEU A 33 2.90 6.61 8.72
CA LEU A 33 3.85 5.52 8.54
C LEU A 33 4.34 5.41 7.11
N ARG A 34 3.62 6.00 6.15
CA ARG A 34 3.99 5.91 4.75
C ARG A 34 4.58 7.18 4.19
N HIS A 35 4.17 8.36 4.67
CA HIS A 35 4.36 9.59 3.92
C HIS A 35 5.02 10.72 4.70
N HIS A 36 4.56 10.99 5.93
CA HIS A 36 4.97 12.20 6.64
C HIS A 36 5.13 11.91 8.13
N PRO A 37 6.01 10.97 8.49
CA PRO A 37 6.19 10.67 9.93
C PRO A 37 6.65 11.87 10.73
N GLY A 38 7.54 12.68 10.17
CA GLY A 38 8.06 13.81 10.91
C GLY A 38 7.03 14.85 11.30
N ARG A 39 5.96 14.99 10.50
CA ARG A 39 4.86 15.91 10.84
C ARG A 39 4.15 15.51 12.12
N TYR A 40 4.33 14.28 12.58
CA TYR A 40 3.73 13.80 13.81
C TYR A 40 4.79 13.43 14.85
N GLY A 41 6.01 13.94 14.69
CA GLY A 41 7.05 13.69 15.67
C GLY A 41 7.60 12.28 15.66
N VAL A 42 7.58 11.62 14.51
CA VAL A 42 7.98 10.22 14.39
C VAL A 42 9.21 10.14 13.48
N ARG A 43 10.22 9.37 13.91
CA ARG A 43 11.32 8.93 13.06
C ARG A 43 11.21 7.44 12.81
N LEU A 44 11.25 7.04 11.54
CA LEU A 44 11.19 5.64 11.17
C LEU A 44 12.59 5.07 11.04
N THR A 45 12.74 3.79 11.36
CA THR A 45 13.97 3.11 10.99
C THR A 45 13.99 2.89 9.48
N ARG A 46 15.13 2.41 8.95
CA ARG A 46 15.19 2.19 7.51
C ARG A 46 14.29 1.03 7.05
N GLU A 47 13.80 0.21 7.98
CA GLU A 47 12.84 -0.83 7.67
C GLU A 47 11.40 -0.35 7.90
N GLY A 48 11.21 0.93 8.20
CA GLY A 48 9.90 1.53 8.30
C GLY A 48 9.28 1.51 9.69
N TRP A 49 9.98 1.04 10.70
CA TRP A 49 9.38 0.88 12.02
C TRP A 49 9.35 2.20 12.80
N ALA A 50 8.20 2.48 13.41
CA ALA A 50 8.02 3.60 14.32
C ALA A 50 7.83 3.06 15.74
N ARG A 51 8.29 3.83 16.71
CA ARG A 51 7.96 3.54 18.10
C ARG A 51 6.50 3.94 18.33
N VAL A 52 5.68 3.00 18.81
CA VAL A 52 4.27 3.32 19.04
C VAL A 52 4.13 4.52 19.97
N SER A 53 5.01 4.63 20.98
CA SER A 53 4.92 5.76 21.91
C SER A 53 5.04 7.10 21.18
N GLU A 54 5.92 7.20 20.17
CA GLU A 54 6.05 8.44 19.40
C GLU A 54 4.81 8.70 18.55
N VAL A 55 4.25 7.65 17.96
CA VAL A 55 3.02 7.80 17.17
C VAL A 55 1.91 8.33 18.07
N VAL A 56 1.78 7.73 19.26
CA VAL A 56 0.75 8.14 20.21
C VAL A 56 0.88 9.63 20.53
N GLU A 57 2.07 10.07 20.91
CA GLU A 57 2.23 11.47 21.29
C GLU A 57 1.92 12.42 20.14
N GLY A 58 2.34 12.07 18.93
CA GLY A 58 2.07 12.95 17.81
C GLY A 58 0.58 13.06 17.52
N LEU A 59 -0.13 11.94 17.58
CA LEU A 59 -1.57 11.98 17.35
C LEU A 59 -2.25 12.80 18.43
N ARG A 60 -1.84 12.62 19.68
CA ARG A 60 -2.47 13.38 20.76
C ARG A 60 -2.26 14.87 20.56
N LYS A 61 -1.06 15.27 20.15
CA LYS A 61 -0.81 16.69 19.92
C LYS A 61 -1.62 17.21 18.74
N ALA A 62 -1.96 16.35 17.79
CA ALA A 62 -2.78 16.75 16.65
C ALA A 62 -4.26 16.73 16.97
N GLY A 63 -4.65 16.51 18.23
CA GLY A 63 -6.04 16.59 18.64
C GLY A 63 -6.72 15.26 18.92
N TRP A 64 -6.04 14.14 18.68
CA TRP A 64 -6.57 12.82 18.99
C TRP A 64 -6.38 12.57 20.49
N SER A 65 -7.14 13.32 21.29
CA SER A 65 -6.80 13.51 22.70
C SER A 65 -7.01 12.25 23.55
N TRP A 66 -7.69 11.24 23.03
CA TRP A 66 -7.95 10.00 23.75
C TRP A 66 -6.99 8.86 23.40
N VAL A 67 -6.17 9.03 22.38
CA VAL A 67 -5.42 7.90 21.83
C VAL A 67 -4.30 7.49 22.77
N GLU A 68 -4.16 6.17 22.96
CA GLU A 68 -3.05 5.56 23.67
C GLU A 68 -2.52 4.39 22.84
N GLU A 69 -1.47 3.74 23.36
CA GLU A 69 -0.93 2.57 22.68
C GLU A 69 -2.00 1.57 22.32
N TRP A 70 -2.93 1.30 23.25
CA TRP A 70 -3.98 0.32 23.01
C TRP A 70 -4.70 0.60 21.70
N HIS A 71 -5.01 1.86 21.42
CA HIS A 71 -5.80 2.17 20.22
C HIS A 71 -4.99 2.01 18.95
N ILE A 72 -3.71 2.38 18.98
CA ILE A 72 -2.87 2.26 17.79
C ILE A 72 -2.64 0.80 17.45
N VAL A 73 -2.33 0.00 18.46
CA VAL A 73 -2.19 -1.44 18.28
C VAL A 73 -3.50 -2.02 17.77
N GLY A 74 -4.63 -1.53 18.29
CA GLY A 74 -5.93 -2.02 17.81
C GLY A 74 -6.19 -1.72 16.34
N VAL A 75 -5.80 -0.54 15.87
CA VAL A 75 -5.93 -0.23 14.45
C VAL A 75 -5.18 -1.28 13.63
N ALA A 76 -3.96 -1.60 14.02
CA ALA A 76 -3.19 -2.60 13.28
C ALA A 76 -3.87 -3.97 13.31
N LEU A 77 -4.35 -4.39 14.49
CA LEU A 77 -4.91 -5.74 14.61
C LEU A 77 -6.25 -5.88 13.92
N HIS A 78 -7.01 -4.80 13.85
CA HIS A 78 -8.34 -4.84 13.25
C HIS A 78 -8.33 -4.48 11.79
N ASP A 79 -7.19 -4.11 11.23
CA ASP A 79 -7.15 -3.64 9.87
C ASP A 79 -7.53 -4.82 8.96
N PRO A 80 -8.55 -4.67 8.11
CA PRO A 80 -9.01 -5.80 7.30
C PRO A 80 -8.01 -6.27 6.27
N LYS A 81 -7.07 -5.42 5.87
CA LYS A 81 -6.13 -5.67 4.79
C LYS A 81 -4.76 -6.15 5.28
N GLY A 82 -4.46 -6.05 6.58
CA GLY A 82 -3.06 -6.26 6.96
C GLY A 82 -2.12 -5.13 6.52
N ARG A 83 -2.59 -3.88 6.53
CA ARG A 83 -1.75 -2.76 6.17
C ARG A 83 -0.53 -2.64 7.08
N TYR A 84 -0.67 -3.06 8.33
CA TYR A 84 0.31 -2.74 9.36
C TYR A 84 0.92 -4.00 9.92
N GLU A 85 2.13 -3.84 10.47
CA GLU A 85 2.79 -4.92 11.20
C GLU A 85 3.19 -4.38 12.56
N LEU A 86 3.07 -5.23 13.59
CA LEU A 86 3.46 -4.90 14.95
C LEU A 86 4.60 -5.82 15.41
N ARG A 87 5.47 -5.28 16.28
CA ARG A 87 6.36 -6.07 17.12
C ARG A 87 6.55 -5.24 18.39
N ASN A 88 7.01 -5.87 19.47
CA ASN A 88 6.97 -5.18 20.78
C ASN A 88 7.42 -3.73 20.71
N GLY A 89 6.49 -2.81 21.02
CA GLY A 89 6.82 -1.40 21.06
C GLY A 89 6.79 -0.66 19.73
N GLU A 90 6.62 -1.36 18.61
CA GLU A 90 6.79 -0.73 17.31
C GLU A 90 5.66 -1.12 16.35
N ILE A 91 5.56 -0.32 15.29
CA ILE A 91 4.55 -0.51 14.25
C ILE A 91 5.15 -0.01 12.94
N ARG A 92 4.79 -0.66 11.84
CA ARG A 92 5.13 -0.12 10.54
C ARG A 92 4.00 -0.37 9.56
N ALA A 93 4.01 0.40 8.47
CA ALA A 93 3.21 0.04 7.31
C ALA A 93 3.99 -0.97 6.47
N ARG A 94 3.28 -2.00 5.97
CA ARG A 94 3.92 -3.01 5.14
C ARG A 94 4.27 -2.52 3.73
N TYR A 95 3.57 -1.50 3.23
CA TYR A 95 3.69 -1.07 1.85
C TYR A 95 3.12 0.34 1.74
N GLY A 96 3.16 0.89 0.52
CA GLY A 96 2.47 2.13 0.25
C GLY A 96 3.30 3.36 0.49
N HIS A 97 4.55 3.21 0.91
CA HIS A 97 5.36 4.33 1.35
C HIS A 97 5.75 5.22 0.17
N SER A 98 5.91 6.52 0.46
CA SER A 98 6.59 7.44 -0.45
C SER A 98 7.92 7.91 0.11
N ILE A 99 8.30 7.43 1.28
CA ILE A 99 9.61 7.74 1.87
C ILE A 99 10.43 6.45 1.84
N PRO A 100 11.76 6.51 1.76
CA PRO A 100 12.56 5.28 1.58
C PRO A 100 12.50 4.37 2.80
N VAL A 101 12.09 3.12 2.54
CA VAL A 101 12.11 2.04 3.53
C VAL A 101 12.43 0.74 2.80
N ASN A 102 12.92 -0.24 3.54
CA ASN A 102 13.16 -1.60 3.04
C ASN A 102 12.33 -2.53 3.88
N VAL A 103 11.29 -3.12 3.30
CA VAL A 103 10.42 -4.08 3.98
C VAL A 103 10.67 -5.46 3.38
N GLU A 104 10.99 -6.44 4.21
CA GLU A 104 11.23 -7.77 3.69
C GLU A 104 9.91 -8.42 3.30
N PRO A 105 9.91 -9.27 2.27
CA PRO A 105 8.65 -9.87 1.81
C PRO A 105 8.09 -10.90 2.78
N LEU A 106 6.77 -11.02 2.74
CA LEU A 106 6.11 -12.13 3.40
C LEU A 106 6.33 -13.40 2.58
N PRO A 107 6.29 -14.56 3.23
CA PRO A 107 6.41 -15.81 2.47
C PRO A 107 5.23 -16.01 1.53
N GLY A 108 5.51 -16.71 0.44
CA GLY A 108 4.48 -17.03 -0.53
C GLY A 108 4.92 -16.61 -1.92
N GLU A 109 4.42 -17.29 -2.90
CA GLU A 109 4.63 -16.96 -4.29
C GLU A 109 3.47 -16.13 -4.81
N PRO A 110 3.70 -15.19 -5.72
CA PRO A 110 2.59 -14.45 -6.30
C PRO A 110 1.75 -15.36 -7.21
N PRO A 111 0.47 -15.07 -7.35
CA PRO A 111 -0.35 -15.83 -8.29
C PRO A 111 -0.02 -15.43 -9.72
N PRO A 112 -0.52 -16.18 -10.71
CA PRO A 112 -0.15 -15.89 -12.10
C PRO A 112 -0.72 -14.59 -12.66
N ILE A 113 -1.81 -14.08 -12.10
CA ILE A 113 -2.42 -12.84 -12.53
C ILE A 113 -2.63 -12.00 -11.28
N LEU A 114 -2.26 -10.72 -11.35
CA LEU A 114 -2.58 -9.77 -10.31
C LEU A 114 -3.32 -8.59 -10.91
N TYR A 115 -3.97 -7.80 -10.05
CA TYR A 115 -4.79 -6.69 -10.53
C TYR A 115 -4.20 -5.36 -10.12
N HIS A 116 -4.45 -4.34 -10.93
CA HIS A 116 -4.15 -2.96 -10.55
C HIS A 116 -5.34 -2.11 -10.96
N GLY A 117 -6.01 -1.50 -10.01
CA GLY A 117 -7.13 -0.62 -10.30
C GLY A 117 -6.63 0.78 -10.62
N THR A 118 -7.29 1.40 -11.60
CA THR A 118 -6.91 2.74 -12.03
C THR A 118 -8.13 3.42 -12.62
N THR A 119 -7.92 4.55 -13.29
CA THR A 119 -9.02 5.24 -13.95
C THR A 119 -8.87 5.07 -15.46
N GLU A 120 -10.01 5.08 -16.16
CA GLU A 120 -9.97 5.00 -17.61
C GLU A 120 -9.10 6.09 -18.21
N GLU A 121 -9.15 7.28 -17.63
CA GLU A 121 -8.34 8.39 -18.13
C GLU A 121 -6.84 8.13 -18.09
N ALA A 122 -6.38 7.28 -17.17
CA ALA A 122 -4.96 6.97 -17.08
C ALA A 122 -4.50 5.95 -18.11
N LEU A 123 -5.42 5.24 -18.76
CA LEU A 123 -5.02 4.12 -19.62
C LEU A 123 -4.08 4.52 -20.74
N PRO A 124 -4.30 5.60 -21.49
CA PRO A 124 -3.38 5.90 -22.60
C PRO A 124 -1.93 6.01 -22.16
N LEU A 125 -1.65 6.69 -21.04
CA LEU A 125 -0.25 6.84 -20.65
C LEU A 125 0.30 5.58 -19.99
N ILE A 126 -0.57 4.76 -19.40
CA ILE A 126 -0.13 3.45 -18.91
C ILE A 126 0.24 2.54 -20.08
N MET A 127 -0.50 2.63 -21.19
CA MET A 127 -0.17 1.80 -22.33
C MET A 127 1.10 2.25 -23.05
N GLU A 128 1.54 3.47 -22.81
CA GLU A 128 2.81 3.96 -23.31
C GLU A 128 3.97 3.65 -22.38
N ARG A 129 3.84 3.99 -21.10
CA ARG A 129 4.96 3.97 -20.17
C ARG A 129 4.90 2.85 -19.17
N GLY A 130 3.85 2.03 -19.19
CA GLY A 130 3.66 0.99 -18.20
C GLY A 130 3.02 1.56 -16.95
N ILE A 131 2.71 0.68 -15.99
CA ILE A 131 2.21 1.16 -14.71
C ILE A 131 3.44 1.61 -13.93
N MET A 132 3.44 2.87 -13.50
CA MET A 132 4.58 3.48 -12.83
C MET A 132 4.26 3.79 -11.38
N ARG A 133 5.32 3.85 -10.56
CA ARG A 133 5.15 3.99 -9.12
C ARG A 133 4.66 5.37 -8.69
N GLY A 134 4.80 6.38 -9.53
CA GLY A 134 4.39 7.72 -9.12
C GLY A 134 5.25 8.23 -7.99
N ARG A 135 4.59 8.69 -6.92
CA ARG A 135 5.28 9.22 -5.77
C ARG A 135 5.69 8.14 -4.78
N ARG A 136 5.23 6.91 -4.97
CA ARG A 136 5.51 5.81 -4.05
C ARG A 136 6.76 5.06 -4.50
N LEU A 137 7.29 4.22 -3.60
CA LEU A 137 8.49 3.46 -3.93
C LEU A 137 8.18 2.36 -4.93
N LYS A 138 6.94 1.88 -4.99
CA LYS A 138 6.61 0.71 -5.79
C LYS A 138 5.24 0.88 -6.42
N VAL A 139 5.04 0.14 -7.51
CA VAL A 139 3.70 -0.10 -8.02
C VAL A 139 3.06 -1.19 -7.16
N HIS A 140 1.82 -0.97 -6.74
CA HIS A 140 1.08 -1.90 -5.91
C HIS A 140 0.05 -2.66 -6.73
N LEU A 141 0.07 -3.98 -6.60
CA LEU A 141 -0.84 -4.90 -7.25
C LEU A 141 -1.57 -5.65 -6.14
N THR A 142 -2.73 -6.20 -6.48
CA THR A 142 -3.51 -6.96 -5.53
C THR A 142 -4.06 -8.22 -6.16
N SER A 143 -4.21 -9.27 -5.34
CA SER A 143 -4.88 -10.49 -5.78
C SER A 143 -6.40 -10.36 -5.70
N SER A 144 -6.92 -9.27 -5.14
CA SER A 144 -8.36 -9.08 -4.97
C SER A 144 -8.88 -8.10 -6.02
N LEU A 145 -9.69 -8.60 -6.97
CA LEU A 145 -10.30 -7.72 -7.96
C LEU A 145 -11.14 -6.64 -7.29
N GLU A 146 -11.88 -7.02 -6.23
CA GLU A 146 -12.73 -6.04 -5.55
C GLU A 146 -11.90 -4.95 -4.91
N ASP A 147 -10.76 -5.31 -4.31
CA ASP A 147 -9.88 -4.28 -3.74
C ASP A 147 -9.34 -3.38 -4.84
N ALA A 148 -9.00 -3.94 -6.00
CA ALA A 148 -8.51 -3.12 -7.11
C ALA A 148 -9.54 -2.09 -7.55
N VAL A 149 -10.81 -2.49 -7.61
CA VAL A 149 -11.87 -1.56 -7.97
C VAL A 149 -11.94 -0.43 -6.95
N SER A 150 -11.92 -0.77 -5.66
CA SER A 150 -12.03 0.26 -4.64
C SER A 150 -10.83 1.20 -4.68
N THR A 151 -9.64 0.69 -5.02
CA THR A 151 -8.47 1.55 -5.14
C THR A 151 -8.61 2.50 -6.33
N GLY A 152 -9.02 1.99 -7.50
CA GLY A 152 -9.25 2.87 -8.62
C GLY A 152 -10.26 3.95 -8.31
N ARG A 153 -11.29 3.62 -7.53
CA ARG A 153 -12.34 4.58 -7.23
C ARG A 153 -11.85 5.74 -6.38
N ARG A 154 -10.71 5.60 -5.70
CA ARG A 154 -10.16 6.75 -5.00
C ARG A 154 -9.76 7.84 -5.97
N HIS A 155 -9.49 7.50 -7.24
CA HIS A 155 -8.98 8.43 -8.22
C HIS A 155 -10.04 8.96 -9.18
N GLY A 156 -11.21 8.32 -9.23
CA GLY A 156 -12.25 8.77 -10.14
C GLY A 156 -13.39 7.78 -10.17
N ASN A 157 -14.44 8.16 -10.90
CA ASN A 157 -15.63 7.32 -11.01
C ASN A 157 -15.56 6.31 -12.14
N LEU A 158 -14.76 6.56 -13.18
CA LEU A 158 -14.68 5.65 -14.32
C LEU A 158 -13.43 4.81 -14.14
N VAL A 159 -13.62 3.61 -13.62
CA VAL A 159 -12.52 2.78 -13.18
C VAL A 159 -12.23 1.69 -14.20
N ALA A 160 -10.96 1.38 -14.36
CA ALA A 160 -10.53 0.24 -15.15
C ALA A 160 -9.64 -0.60 -14.26
N VAL A 161 -9.72 -1.92 -14.39
CA VAL A 161 -8.84 -2.83 -13.67
C VAL A 161 -7.92 -3.49 -14.68
N LEU A 162 -6.62 -3.37 -14.46
CA LEU A 162 -5.62 -4.01 -15.32
C LEU A 162 -5.32 -5.40 -14.76
N LEU A 163 -5.39 -6.40 -15.63
CA LEU A 163 -4.92 -7.74 -15.30
C LEU A 163 -3.46 -7.82 -15.71
N VAL A 164 -2.57 -8.11 -14.76
CA VAL A 164 -1.14 -8.09 -14.98
C VAL A 164 -0.64 -9.53 -15.00
N ASP A 165 0.07 -9.88 -16.07
CA ASP A 165 0.70 -11.18 -16.26
C ASP A 165 1.97 -11.21 -15.41
N VAL A 166 1.90 -11.91 -14.27
CA VAL A 166 2.98 -11.91 -13.29
C VAL A 166 4.23 -12.60 -13.83
N GLU A 167 4.09 -13.70 -14.57
CA GLU A 167 5.28 -14.33 -15.13
C GLU A 167 5.97 -13.43 -16.16
N CYS A 168 5.21 -12.59 -16.86
CA CYS A 168 5.80 -11.61 -17.76
C CYS A 168 6.73 -10.65 -16.99
N LEU A 169 6.33 -10.23 -15.78
CA LEU A 169 7.21 -9.40 -14.96
C LEU A 169 8.44 -10.19 -14.53
N ARG A 170 8.19 -11.38 -13.99
CA ARG A 170 9.27 -12.15 -13.35
C ARG A 170 10.34 -12.55 -14.36
N ARG A 171 9.93 -12.97 -15.57
CA ARG A 171 10.92 -13.48 -16.51
C ARG A 171 11.82 -12.40 -17.07
N ARG A 172 11.44 -11.13 -16.94
CA ARG A 172 12.36 -10.06 -17.34
C ARG A 172 13.11 -9.48 -16.15
N GLY A 173 13.05 -10.14 -15.00
CA GLY A 173 13.86 -9.76 -13.86
C GLY A 173 13.21 -8.80 -12.89
N LEU A 174 11.89 -8.65 -12.92
CA LEU A 174 11.19 -7.76 -11.99
C LEU A 174 10.64 -8.60 -10.84
N LYS A 175 11.16 -8.36 -9.63
CA LYS A 175 10.66 -9.06 -8.44
C LYS A 175 9.25 -8.60 -8.08
N VAL A 176 8.37 -9.56 -7.84
CA VAL A 176 6.99 -9.31 -7.45
C VAL A 176 6.88 -9.82 -6.02
N GLU A 177 6.93 -8.91 -5.06
CA GLU A 177 7.14 -9.26 -3.66
C GLU A 177 5.85 -9.15 -2.88
N ARG A 178 5.55 -10.18 -2.10
CA ARG A 178 4.34 -10.21 -1.29
C ARG A 178 4.52 -9.34 -0.05
N MET A 179 3.63 -8.37 0.13
N MET A 179 3.62 -8.38 0.15
CA MET A 179 3.70 -7.46 1.28
CA MET A 179 3.72 -7.47 1.29
C MET A 179 2.58 -7.67 2.29
C MET A 179 2.56 -7.61 2.27
N SER A 180 1.49 -8.30 1.89
CA SER A 180 0.38 -8.64 2.77
C SER A 180 -0.28 -9.87 2.18
N LYS A 181 -1.38 -10.31 2.80
CA LYS A 181 -2.07 -11.46 2.27
C LYS A 181 -2.45 -11.25 0.79
N THR A 182 -2.77 -10.02 0.41
CA THR A 182 -3.26 -9.73 -0.94
C THR A 182 -2.43 -8.73 -1.74
N VAL A 183 -1.52 -7.96 -1.13
CA VAL A 183 -0.83 -6.88 -1.82
C VAL A 183 0.59 -7.31 -2.17
N TYR A 184 0.99 -7.04 -3.42
CA TYR A 184 2.32 -7.36 -3.92
C TYR A 184 2.88 -6.09 -4.54
N THR A 185 4.18 -5.89 -4.42
CA THR A 185 4.82 -4.73 -5.02
C THR A 185 5.75 -5.12 -6.15
N VAL A 186 5.94 -4.20 -7.09
CA VAL A 186 6.88 -4.39 -8.18
C VAL A 186 7.40 -3.01 -8.57
N ASP A 187 8.61 -2.95 -9.09
CA ASP A 187 9.18 -1.64 -9.38
C ASP A 187 8.39 -0.91 -10.47
N TRP A 188 7.85 -1.65 -11.43
CA TRP A 188 7.26 -1.11 -12.64
C TRP A 188 6.55 -2.26 -13.34
N VAL A 189 5.49 -1.96 -14.08
CA VAL A 189 4.81 -2.97 -14.90
C VAL A 189 4.98 -2.55 -16.37
N PRO A 190 5.75 -3.29 -17.17
CA PRO A 190 5.87 -2.95 -18.59
C PRO A 190 4.52 -3.07 -19.27
N PRO A 191 4.25 -2.22 -20.25
CA PRO A 191 2.93 -2.30 -20.90
C PRO A 191 2.64 -3.66 -21.52
N GLU A 192 3.68 -4.38 -21.95
CA GLU A 192 3.46 -5.69 -22.56
C GLU A 192 3.02 -6.74 -21.55
N CYS A 193 3.16 -6.48 -20.26
CA CYS A 193 2.69 -7.40 -19.24
C CYS A 193 1.26 -7.14 -18.78
N ILE A 194 0.57 -6.19 -19.42
CA ILE A 194 -0.86 -5.98 -19.15
C ILE A 194 -1.63 -6.91 -20.07
N ALA A 195 -2.25 -7.95 -19.48
CA ALA A 195 -2.92 -8.99 -20.23
C ALA A 195 -4.30 -8.57 -20.70
N GLU A 196 -5.00 -7.73 -19.93
CA GLU A 196 -6.40 -7.43 -20.19
C GLU A 196 -6.78 -6.20 -19.40
N VAL A 197 -7.77 -5.47 -19.89
CA VAL A 197 -8.35 -4.32 -19.20
C VAL A 197 -9.82 -4.62 -18.99
N ARG A 198 -10.30 -4.49 -17.75
CA ARG A 198 -11.70 -4.65 -17.41
C ARG A 198 -12.28 -3.31 -16.98
N ARG A 199 -13.46 -2.98 -17.48
CA ARG A 199 -14.08 -1.70 -17.24
C ARG A 199 -15.05 -1.79 -16.07
N GLU A 200 -15.03 -0.77 -15.20
CA GLU A 200 -15.99 -0.67 -14.11
C GLU A 200 -16.43 0.79 -14.00
N SER A 201 -17.68 1.08 -14.38
CA SER A 201 -18.19 2.45 -14.29
C SER A 201 -19.16 2.65 -13.13
#